data_8TGB
#
_entry.id   8TGB
#
_cell.length_a   58.951
_cell.length_b   26.138
_cell.length_c   82.873
_cell.angle_alpha   90.00
_cell.angle_beta   95.50
_cell.angle_gamma   90.00
#
_symmetry.space_group_name_H-M   'P 1 2 1'
#
loop_
_entity.id
_entity.type
_entity.pdbx_description
1 polymer 'root lateral formation protein (RLF)'
2 non-polymer 'PROTOPORPHYRIN IX CONTAINING FE'
3 non-polymer 'SULFATE ION'
4 water water
#
_entity_poly.entity_id   1
_entity_poly.type   'polypeptide(L)'
_entity_poly.pdbx_seq_one_letter_code
;MGKKPAARAKVPFEKGYSQMDWLKLTRTHPDLAGLKGQLNRRLISLEEVKQHKTGDSIWTVLKGRVYNIAPYMKFHPGGV
DMLMKAAGKDSTALFNKYHAWVNFEFLLEKCLVGFLDPNE
;
_entity_poly.pdbx_strand_id   A,B
#
loop_
_chem_comp.id
_chem_comp.type
_chem_comp.name
_chem_comp.formula
HEM non-polymer 'PROTOPORPHYRIN IX CONTAINING FE' 'C34 H32 Fe N4 O4'
SO4 non-polymer 'SULFATE ION' 'O4 S -2'
#
# COMPACT_ATOMS: atom_id res chain seq x y z
N PHE A 13 -15.85 -14.61 -9.45
CA PHE A 13 -16.44 -13.29 -9.65
C PHE A 13 -17.76 -13.14 -8.89
N GLU A 14 -17.96 -11.98 -8.28
CA GLU A 14 -19.21 -11.68 -7.59
C GLU A 14 -19.61 -10.26 -7.92
N LYS A 15 -20.81 -10.09 -8.46
CA LYS A 15 -21.29 -8.77 -8.85
C LYS A 15 -21.52 -7.89 -7.64
N GLY A 16 -21.22 -6.60 -7.78
CA GLY A 16 -21.55 -5.59 -6.81
C GLY A 16 -20.50 -5.34 -5.75
N TYR A 17 -19.37 -6.04 -5.80
CA TYR A 17 -18.37 -6.01 -4.75
C TYR A 17 -17.27 -4.99 -4.97
N SER A 18 -17.38 -4.14 -5.98
CA SER A 18 -16.27 -3.24 -6.28
C SER A 18 -15.98 -2.33 -5.10
N GLN A 19 -17.01 -1.85 -4.39
CA GLN A 19 -16.75 -0.91 -3.32
C GLN A 19 -16.16 -1.58 -2.08
N MET A 20 -16.61 -2.80 -1.78
CA MET A 20 -15.98 -3.60 -0.74
C MET A 20 -14.50 -3.84 -1.04
N ASP A 21 -14.21 -4.20 -2.30
CA ASP A 21 -12.82 -4.43 -2.71
C ASP A 21 -12.02 -3.14 -2.62
N TRP A 22 -12.63 -2.02 -3.02
CA TRP A 22 -11.94 -0.74 -2.90
C TRP A 22 -11.57 -0.48 -1.47
N LEU A 23 -12.52 -0.64 -0.54
CA LEU A 23 -12.21 -0.28 0.84
C LEU A 23 -11.18 -1.22 1.42
N LYS A 24 -11.18 -2.50 1.03
CA LYS A 24 -10.10 -3.39 1.46
C LYS A 24 -8.76 -2.84 0.99
N LEU A 25 -8.70 -2.34 -0.25
CA LEU A 25 -7.47 -1.71 -0.71
C LEU A 25 -7.08 -0.54 0.18
N THR A 26 -8.03 0.31 0.56
CA THR A 26 -7.69 1.46 1.39
C THR A 26 -7.16 1.04 2.76
N ARG A 27 -7.47 -0.17 3.21
CA ARG A 27 -6.98 -0.68 4.49
C ARG A 27 -5.66 -1.43 4.36
N THR A 28 -5.24 -1.76 3.14
CA THR A 28 -4.10 -2.66 2.96
C THR A 28 -3.08 -2.15 1.96
N HIS A 29 -3.20 -0.90 1.50
CA HIS A 29 -2.22 -0.30 0.61
C HIS A 29 -1.87 1.08 1.13
N PRO A 30 -0.60 1.36 1.42
CA PRO A 30 -0.26 2.63 2.06
C PRO A 30 -0.27 3.81 1.09
N ASP A 31 -0.57 4.98 1.65
CA ASP A 31 -0.49 6.25 0.96
C ASP A 31 -1.17 6.25 -0.41
N LEU A 32 -2.43 5.78 -0.44
CA LEU A 32 -3.16 5.85 -1.69
C LEU A 32 -3.31 7.28 -2.18
N ALA A 33 -3.38 8.25 -1.26
CA ALA A 33 -3.47 9.64 -1.65
C ALA A 33 -2.25 10.10 -2.43
N GLY A 34 -1.12 9.40 -2.31
CA GLY A 34 0.08 9.82 -3.00
C GLY A 34 0.76 11.02 -2.40
N LEU A 35 0.54 11.27 -1.11
CA LEU A 35 1.08 12.44 -0.44
C LEU A 35 2.55 12.31 -0.08
N LYS A 36 3.06 11.09 -0.01
CA LYS A 36 4.48 10.85 0.24
C LYS A 36 4.99 11.62 1.45
N GLY A 37 4.19 11.63 2.51
CA GLY A 37 4.60 12.21 3.78
C GLY A 37 4.04 13.58 4.07
N GLN A 38 3.49 14.26 3.07
CA GLN A 38 2.75 15.48 3.32
C GLN A 38 1.43 15.17 4.00
N LEU A 39 0.92 16.12 4.78
CA LEU A 39 -0.35 15.89 5.46
C LEU A 39 -1.52 16.27 4.56
N ASN A 40 -2.66 15.62 4.79
CA ASN A 40 -3.84 15.76 3.92
C ASN A 40 -4.73 16.93 4.33
N ARG A 41 -4.21 17.91 5.04
CA ARG A 41 -4.98 19.06 5.50
C ARG A 41 -4.60 20.33 4.78
N ARG A 42 -3.76 20.24 3.76
CA ARG A 42 -3.21 21.41 3.11
C ARG A 42 -4.29 22.18 2.35
N LEU A 43 -4.11 23.50 2.29
CA LEU A 43 -4.95 24.37 1.50
C LEU A 43 -4.38 24.44 0.09
N ILE A 44 -5.20 24.08 -0.89
CA ILE A 44 -4.78 23.79 -2.25
C ILE A 44 -5.49 24.76 -3.19
N SER A 45 -4.77 25.23 -4.21
CA SER A 45 -5.37 26.08 -5.23
C SER A 45 -5.95 25.25 -6.36
N LEU A 46 -6.88 25.85 -7.11
CA LEU A 46 -7.40 25.16 -8.29
C LEU A 46 -6.32 25.00 -9.35
N GLU A 47 -5.41 25.97 -9.48
CA GLU A 47 -4.33 25.81 -10.42
C GLU A 47 -3.50 24.57 -10.11
N GLU A 48 -3.33 24.24 -8.83
CA GLU A 48 -2.64 23.00 -8.49
C GLU A 48 -3.43 21.78 -8.98
N VAL A 49 -4.74 21.75 -8.68
CA VAL A 49 -5.58 20.66 -9.14
C VAL A 49 -5.42 20.46 -10.65
N LYS A 50 -5.39 21.57 -11.39
CA LYS A 50 -5.34 21.50 -12.85
C LYS A 50 -4.04 20.89 -13.33
N GLN A 51 -2.99 20.91 -12.50
CA GLN A 51 -1.69 20.35 -12.87
C GLN A 51 -1.51 18.90 -12.43
N HIS A 52 -2.60 18.26 -11.99
CA HIS A 52 -2.61 16.83 -11.67
C HIS A 52 -3.61 16.12 -12.58
N LYS A 53 -3.29 16.07 -13.87
CA LYS A 53 -4.11 15.39 -14.86
C LYS A 53 -3.43 14.19 -15.48
N THR A 54 -2.14 13.99 -15.21
CA THR A 54 -1.33 12.98 -15.87
C THR A 54 -0.34 12.44 -14.85
N GLY A 55 0.40 11.40 -15.23
CA GLY A 55 1.51 10.96 -14.40
C GLY A 55 1.05 10.08 -13.26
N ASP A 56 1.46 10.40 -12.04
CA ASP A 56 1.31 9.49 -10.94
C ASP A 56 0.07 9.75 -10.10
N SER A 57 -0.77 10.70 -10.49
CA SER A 57 -1.95 11.02 -9.71
C SER A 57 -2.90 11.78 -10.62
N ILE A 58 -4.17 11.76 -10.25
CA ILE A 58 -5.18 12.56 -10.91
C ILE A 58 -5.98 13.20 -9.80
N TRP A 59 -5.98 14.53 -9.74
CA TRP A 59 -6.71 15.22 -8.68
C TRP A 59 -8.04 15.77 -9.21
N THR A 60 -9.04 15.80 -8.32
CA THR A 60 -10.32 16.43 -8.61
C THR A 60 -10.82 17.08 -7.33
N VAL A 61 -11.76 18.02 -7.49
CA VAL A 61 -12.42 18.69 -6.36
C VAL A 61 -13.88 18.27 -6.31
N LEU A 62 -14.33 17.83 -5.13
CA LEU A 62 -15.73 17.53 -4.83
C LEU A 62 -16.12 18.31 -3.58
N LYS A 63 -17.01 19.28 -3.74
CA LYS A 63 -17.51 20.06 -2.60
C LYS A 63 -16.35 20.57 -1.75
N GLY A 64 -15.35 21.10 -2.42
CA GLY A 64 -14.24 21.71 -1.74
C GLY A 64 -13.16 20.76 -1.26
N ARG A 65 -13.34 19.46 -1.42
CA ARG A 65 -12.35 18.48 -0.98
C ARG A 65 -11.55 18.02 -2.18
N VAL A 66 -10.24 18.00 -2.05
CA VAL A 66 -9.37 17.59 -3.15
C VAL A 66 -8.96 16.14 -2.94
N TYR A 67 -9.16 15.31 -3.96
CA TYR A 67 -8.90 13.88 -3.91
C TYR A 67 -8.00 13.46 -5.05
N ASN A 68 -7.12 12.49 -4.77
CA ASN A 68 -6.40 11.75 -5.81
C ASN A 68 -7.29 10.57 -6.19
N ILE A 69 -7.96 10.67 -7.34
CA ILE A 69 -8.88 9.63 -7.77
C ILE A 69 -8.22 8.59 -8.66
N ALA A 70 -6.95 8.72 -9.00
CA ALA A 70 -6.32 7.70 -9.84
C ALA A 70 -6.46 6.31 -9.24
N PRO A 71 -6.24 6.07 -7.95
CA PRO A 71 -6.35 4.70 -7.45
C PRO A 71 -7.75 4.11 -7.51
N TYR A 72 -8.78 4.95 -7.57
CA TYR A 72 -10.17 4.51 -7.57
C TYR A 72 -10.65 4.11 -8.95
N MET A 73 -9.90 4.44 -10.01
CA MET A 73 -10.38 4.24 -11.38
C MET A 73 -11.02 2.88 -11.63
N LYS A 74 -10.31 1.78 -11.34
CA LYS A 74 -10.84 0.49 -11.75
C LYS A 74 -11.95 0.01 -10.82
N PHE A 75 -12.21 0.73 -9.73
CA PHE A 75 -13.29 0.38 -8.82
C PHE A 75 -14.54 1.19 -9.07
N HIS A 76 -14.50 2.16 -9.95
CA HIS A 76 -15.65 3.03 -10.16
C HIS A 76 -16.75 2.31 -10.95
N PRO A 77 -17.96 2.14 -10.41
CA PRO A 77 -18.97 1.39 -11.16
C PRO A 77 -19.36 2.03 -12.46
N GLY A 78 -19.30 3.35 -12.56
CA GLY A 78 -19.60 4.05 -13.79
C GLY A 78 -18.53 3.97 -14.86
N GLY A 79 -17.39 3.36 -14.56
CA GLY A 79 -16.34 3.18 -15.54
C GLY A 79 -15.20 4.17 -15.43
N VAL A 80 -14.05 3.77 -15.96
CA VAL A 80 -12.87 4.61 -16.00
C VAL A 80 -13.09 5.80 -16.92
N ASP A 81 -13.71 5.58 -18.08
CA ASP A 81 -13.95 6.66 -19.03
C ASP A 81 -14.73 7.80 -18.38
N MET A 82 -15.75 7.46 -17.59
CA MET A 82 -16.54 8.49 -16.93
C MET A 82 -15.75 9.19 -15.83
N LEU A 83 -15.08 8.43 -14.96
CA LEU A 83 -14.34 9.06 -13.88
C LEU A 83 -13.23 9.97 -14.41
N MET A 84 -12.64 9.62 -15.56
CA MET A 84 -11.58 10.45 -16.12
C MET A 84 -12.05 11.86 -16.45
N LYS A 85 -13.35 12.05 -16.69
CA LYS A 85 -13.90 13.37 -16.95
C LYS A 85 -13.66 14.33 -15.80
N ALA A 86 -13.39 13.82 -14.61
CA ALA A 86 -13.13 14.64 -13.43
C ALA A 86 -11.68 15.11 -13.32
N ALA A 87 -10.79 14.64 -14.20
CA ALA A 87 -9.37 14.89 -14.01
C ALA A 87 -9.02 16.36 -14.08
N GLY A 88 -8.34 16.85 -13.05
CA GLY A 88 -7.83 18.20 -13.04
C GLY A 88 -8.87 19.29 -12.99
N LYS A 89 -10.06 19.00 -12.47
CA LYS A 89 -11.09 20.02 -12.44
C LYS A 89 -12.00 19.81 -11.24
N ASP A 90 -12.84 20.81 -10.98
CA ASP A 90 -13.90 20.63 -10.01
C ASP A 90 -14.98 19.76 -10.64
N SER A 91 -15.24 18.60 -10.05
CA SER A 91 -16.18 17.66 -10.63
C SER A 91 -17.50 17.60 -9.86
N THR A 92 -17.76 18.59 -9.01
CA THR A 92 -18.97 18.55 -8.21
C THR A 92 -20.22 18.48 -9.10
N ALA A 93 -20.27 19.31 -10.14
CA ALA A 93 -21.45 19.33 -11.00
C ALA A 93 -21.67 17.98 -11.69
N LEU A 94 -20.58 17.37 -12.18
CA LEU A 94 -20.71 16.05 -12.81
C LEU A 94 -21.18 15.02 -11.79
N PHE A 95 -20.55 15.01 -10.63
CA PHE A 95 -20.93 14.09 -9.57
C PHE A 95 -22.41 14.21 -9.24
N ASN A 96 -22.91 15.44 -9.13
CA ASN A 96 -24.30 15.66 -8.76
C ASN A 96 -25.26 15.32 -9.90
N LYS A 97 -24.79 15.42 -11.16
CA LYS A 97 -25.61 15.01 -12.30
C LYS A 97 -25.84 13.51 -12.28
N TYR A 98 -24.81 12.73 -11.94
CA TYR A 98 -24.91 11.28 -12.06
C TYR A 98 -25.33 10.59 -10.77
N HIS A 99 -24.94 11.12 -9.60
CA HIS A 99 -25.28 10.46 -8.35
C HIS A 99 -24.96 11.35 -7.16
N ALA A 100 -25.82 12.34 -6.92
CA ALA A 100 -25.57 13.28 -5.85
C ALA A 100 -25.57 12.64 -4.47
N TRP A 101 -26.20 11.48 -4.32
CA TRP A 101 -26.37 10.80 -3.06
C TRP A 101 -25.18 9.95 -2.64
N VAL A 102 -24.16 9.75 -3.52
CA VAL A 102 -23.08 8.82 -3.19
C VAL A 102 -22.19 9.43 -2.11
N ASN A 103 -21.75 8.57 -1.19
CA ASN A 103 -20.99 9.00 -0.02
C ASN A 103 -19.50 9.04 -0.36
N PHE A 104 -19.14 10.04 -1.17
CA PHE A 104 -17.74 10.18 -1.56
C PHE A 104 -16.86 10.56 -0.38
N GLU A 105 -17.43 11.27 0.61
CA GLU A 105 -16.63 11.66 1.76
C GLU A 105 -16.08 10.44 2.48
N PHE A 106 -16.89 9.38 2.63
CA PHE A 106 -16.37 8.18 3.27
C PHE A 106 -15.53 7.36 2.30
N LEU A 107 -16.06 7.11 1.10
CA LEU A 107 -15.37 6.22 0.18
C LEU A 107 -13.98 6.73 -0.15
N LEU A 108 -13.82 8.04 -0.31
CA LEU A 108 -12.53 8.58 -0.76
C LEU A 108 -11.67 9.19 0.35
N GLU A 109 -12.00 8.99 1.63
CA GLU A 109 -11.23 9.62 2.69
C GLU A 109 -9.73 9.33 2.57
N LYS A 110 -9.37 8.10 2.25
CA LYS A 110 -7.96 7.74 2.19
C LYS A 110 -7.27 8.30 0.96
N CYS A 111 -8.00 8.97 0.07
CA CYS A 111 -7.44 9.64 -1.09
C CYS A 111 -7.47 11.15 -0.95
N LEU A 112 -7.90 11.66 0.19
CA LEU A 112 -7.96 13.09 0.41
C LEU A 112 -6.56 13.67 0.43
N VAL A 113 -6.34 14.72 -0.35
CA VAL A 113 -5.06 15.40 -0.32
C VAL A 113 -5.14 16.79 0.33
N GLY A 114 -6.31 17.40 0.39
CA GLY A 114 -6.46 18.67 1.08
C GLY A 114 -7.77 19.33 0.69
N PHE A 115 -7.80 20.65 0.89
CA PHE A 115 -9.03 21.44 0.79
C PHE A 115 -8.83 22.55 -0.22
N LEU A 116 -9.82 22.74 -1.09
CA LEU A 116 -9.71 23.74 -2.14
CA LEU A 116 -9.72 23.75 -2.15
C LEU A 116 -9.99 25.12 -1.54
N ASP A 117 -8.97 25.96 -1.51
CA ASP A 117 -9.08 27.31 -0.97
C ASP A 117 -9.10 28.25 -2.15
N PRO A 118 -10.23 28.91 -2.46
CA PRO A 118 -10.24 29.79 -3.63
C PRO A 118 -9.21 30.91 -3.57
N ASN A 119 -8.69 31.23 -2.39
CA ASN A 119 -7.71 32.31 -2.25
C ASN A 119 -6.27 31.85 -2.45
N GLU A 120 -6.00 30.55 -2.49
CA GLU A 120 -4.64 30.08 -2.73
C GLU A 120 -4.21 30.33 -4.17
N LYS B 15 29.46 -25.08 0.35
CA LYS B 15 28.93 -25.84 1.46
C LYS B 15 28.79 -24.99 2.71
N GLY B 16 27.55 -24.61 3.01
CA GLY B 16 27.22 -23.79 4.16
C GLY B 16 27.23 -22.30 3.90
N TYR B 17 27.48 -21.89 2.65
CA TYR B 17 27.72 -20.49 2.34
C TYR B 17 26.46 -19.73 1.98
N SER B 18 25.28 -20.33 2.17
CA SER B 18 24.03 -19.62 1.90
C SER B 18 24.10 -18.23 2.48
N GLN B 19 24.46 -18.13 3.76
CA GLN B 19 24.19 -16.90 4.49
C GLN B 19 25.16 -15.78 4.15
N MET B 20 26.43 -16.08 3.88
CA MET B 20 27.35 -15.03 3.50
C MET B 20 26.97 -14.46 2.13
N ASP B 21 26.50 -15.32 1.23
CA ASP B 21 26.02 -14.83 -0.06
C ASP B 21 24.74 -14.03 0.09
N TRP B 22 23.82 -14.50 0.93
CA TRP B 22 22.60 -13.74 1.20
C TRP B 22 22.94 -12.33 1.62
N LEU B 23 23.84 -12.21 2.61
CA LEU B 23 24.21 -10.90 3.13
C LEU B 23 24.90 -10.07 2.06
N LYS B 24 25.75 -10.69 1.25
CA LYS B 24 26.30 -10.02 0.09
C LYS B 24 25.18 -9.42 -0.75
N LEU B 25 24.12 -10.21 -0.98
CA LEU B 25 23.01 -9.75 -1.82
C LEU B 25 22.30 -8.55 -1.22
N THR B 26 22.20 -8.47 0.10
CA THR B 26 21.53 -7.33 0.72
C THR B 26 22.40 -6.08 0.70
N ARG B 27 23.73 -6.24 0.66
CA ARG B 27 24.62 -5.08 0.57
C ARG B 27 24.65 -4.52 -0.84
N THR B 28 24.49 -5.37 -1.86
CA THR B 28 24.61 -4.95 -3.25
C THR B 28 23.28 -4.64 -3.91
N HIS B 29 22.17 -5.21 -3.43
CA HIS B 29 20.86 -4.93 -4.00
C HIS B 29 20.04 -4.14 -2.99
N PRO B 30 20.08 -2.82 -3.04
CA PRO B 30 19.27 -2.01 -2.10
C PRO B 30 17.80 -2.22 -2.37
N ASP B 31 17.01 -2.07 -1.31
CA ASP B 31 15.57 -2.16 -1.44
C ASP B 31 15.12 -3.52 -1.97
N LEU B 32 15.78 -4.59 -1.55
CA LEU B 32 15.19 -5.89 -1.86
C LEU B 32 13.98 -6.18 -0.96
N ALA B 33 13.72 -5.34 0.05
CA ALA B 33 12.45 -5.41 0.77
C ALA B 33 11.26 -5.13 -0.14
N GLY B 34 11.48 -4.46 -1.27
CA GLY B 34 10.42 -4.20 -2.21
C GLY B 34 9.50 -3.08 -1.80
N LEU B 35 9.98 -2.14 -0.98
CA LEU B 35 9.14 -1.08 -0.44
C LEU B 35 8.95 0.08 -1.39
N LYS B 36 9.81 0.25 -2.38
CA LYS B 36 9.81 1.43 -3.25
C LYS B 36 10.05 2.62 -2.34
N GLY B 37 9.16 3.59 -2.27
CA GLY B 37 9.37 4.70 -1.38
C GLY B 37 8.81 4.54 0.01
N GLN B 38 8.13 3.44 0.32
CA GLN B 38 7.50 3.35 1.63
C GLN B 38 8.57 3.19 2.71
N LEU B 39 8.23 3.63 3.91
CA LEU B 39 9.14 3.57 5.05
C LEU B 39 9.03 2.21 5.73
N ASN B 40 10.15 1.71 6.24
CA ASN B 40 10.14 0.39 6.87
C ASN B 40 9.76 0.43 8.34
N ARG B 41 9.24 1.56 8.82
CA ARG B 41 8.71 1.70 10.18
C ARG B 41 7.18 1.76 10.22
N ARG B 42 6.52 1.52 9.09
CA ARG B 42 5.07 1.63 9.00
C ARG B 42 4.42 0.62 9.92
N LEU B 43 3.30 1.02 10.51
CA LEU B 43 2.49 0.13 11.32
C LEU B 43 1.50 -0.59 10.41
N ILE B 44 1.50 -1.92 10.48
CA ILE B 44 0.85 -2.78 9.49
C ILE B 44 -0.13 -3.70 10.20
N SER B 45 -1.32 -3.87 9.60
CA SER B 45 -2.30 -4.79 10.13
C SER B 45 -2.08 -6.20 9.62
N LEU B 46 -2.62 -7.17 10.36
CA LEU B 46 -2.59 -8.56 9.89
C LEU B 46 -3.34 -8.70 8.58
N GLU B 47 -4.45 -7.95 8.41
CA GLU B 47 -5.18 -8.00 7.15
C GLU B 47 -4.27 -7.64 5.98
N GLU B 48 -3.41 -6.63 6.16
CA GLU B 48 -2.49 -6.26 5.09
C GLU B 48 -1.45 -7.36 4.86
N VAL B 49 -0.92 -7.92 5.94
CA VAL B 49 0.06 -9.00 5.79
C VAL B 49 -0.53 -10.13 4.95
N LYS B 50 -1.81 -10.46 5.18
CA LYS B 50 -2.47 -11.53 4.44
C LYS B 50 -2.53 -11.26 2.95
N GLN B 51 -2.42 -10.00 2.53
CA GLN B 51 -2.50 -9.67 1.12
C GLN B 51 -1.17 -9.90 0.42
N HIS B 52 -0.15 -10.27 1.15
CA HIS B 52 1.16 -10.57 0.58
C HIS B 52 1.45 -12.06 0.78
N LYS B 53 0.56 -12.91 0.27
CA LYS B 53 0.77 -14.35 0.19
C LYS B 53 1.20 -14.80 -1.19
N THR B 54 1.06 -13.94 -2.20
CA THR B 54 1.31 -14.31 -3.59
C THR B 54 2.03 -13.14 -4.26
N GLY B 55 2.22 -13.25 -5.58
CA GLY B 55 2.75 -12.14 -6.34
C GLY B 55 4.22 -11.84 -6.07
N ASP B 56 4.48 -10.51 -5.96
CA ASP B 56 5.82 -9.91 -5.94
C ASP B 56 6.55 -10.06 -4.62
N SER B 57 5.85 -10.40 -3.55
CA SER B 57 6.30 -10.16 -2.20
C SER B 57 5.57 -11.14 -1.28
N ILE B 58 6.28 -11.62 -0.27
CA ILE B 58 5.69 -12.56 0.68
C ILE B 58 6.00 -12.03 2.06
N TRP B 59 4.99 -11.58 2.78
CA TRP B 59 5.21 -10.99 4.10
C TRP B 59 4.91 -11.98 5.21
N THR B 60 5.65 -11.85 6.32
CA THR B 60 5.40 -12.64 7.52
C THR B 60 5.68 -11.77 8.73
N VAL B 61 5.14 -12.19 9.88
CA VAL B 61 5.39 -11.49 11.14
C VAL B 61 6.23 -12.40 12.04
N LEU B 62 7.33 -11.85 12.57
CA LEU B 62 8.19 -12.53 13.52
C LEU B 62 8.39 -11.59 14.69
N LYS B 63 7.85 -11.95 15.86
CA LYS B 63 8.01 -11.16 17.08
C LYS B 63 7.66 -9.70 16.84
N GLY B 64 6.51 -9.49 16.18
CA GLY B 64 5.98 -8.16 15.96
C GLY B 64 6.58 -7.40 14.81
N ARG B 65 7.59 -7.96 14.13
CA ARG B 65 8.21 -7.31 12.99
C ARG B 65 7.70 -7.96 11.70
N VAL B 66 7.37 -7.13 10.72
CA VAL B 66 6.90 -7.63 9.43
C VAL B 66 8.07 -7.63 8.45
N TYR B 67 8.29 -8.78 7.81
CA TYR B 67 9.38 -8.96 6.87
C TYR B 67 8.86 -9.45 5.53
N ASN B 68 9.47 -8.97 4.46
CA ASN B 68 9.31 -9.58 3.13
C ASN B 68 10.34 -10.69 3.00
N ILE B 69 9.88 -11.95 3.11
CA ILE B 69 10.79 -13.08 3.06
C ILE B 69 10.96 -13.66 1.67
N ALA B 70 10.25 -13.16 0.66
CA ALA B 70 10.42 -13.69 -0.70
C ALA B 70 11.88 -13.69 -1.14
N PRO B 71 12.64 -12.60 -0.99
CA PRO B 71 14.04 -12.63 -1.44
C PRO B 71 14.91 -13.68 -0.77
N TYR B 72 14.57 -14.11 0.44
CA TYR B 72 15.38 -15.03 1.21
C TYR B 72 15.13 -16.48 0.82
N MET B 73 14.13 -16.74 -0.04
CA MET B 73 13.68 -18.10 -0.31
C MET B 73 14.83 -19.02 -0.71
N LYS B 74 15.66 -18.61 -1.68
CA LYS B 74 16.73 -19.44 -2.20
C LYS B 74 17.81 -19.72 -1.16
N PHE B 75 17.92 -18.83 -0.18
CA PHE B 75 19.00 -18.87 0.78
C PHE B 75 18.62 -19.56 2.08
N HIS B 76 17.38 -19.93 2.26
CA HIS B 76 16.95 -20.53 3.53
C HIS B 76 17.49 -21.95 3.65
N PRO B 77 18.31 -22.25 4.67
CA PRO B 77 18.82 -23.62 4.79
C PRO B 77 17.73 -24.67 4.98
N GLY B 78 16.62 -24.32 5.60
CA GLY B 78 15.54 -25.26 5.78
C GLY B 78 14.65 -25.50 4.58
N GLY B 79 14.88 -24.79 3.47
CA GLY B 79 14.16 -25.07 2.25
C GLY B 79 13.05 -24.07 2.00
N VAL B 80 12.66 -23.99 0.72
CA VAL B 80 11.56 -23.12 0.32
C VAL B 80 10.24 -23.62 0.86
N ASP B 81 10.01 -24.94 0.81
CA ASP B 81 8.74 -25.48 1.29
C ASP B 81 8.51 -25.11 2.75
N MET B 82 9.56 -25.15 3.57
CA MET B 82 9.42 -24.77 4.98
C MET B 82 9.14 -23.28 5.12
N LEU B 83 9.97 -22.44 4.48
CA LEU B 83 9.80 -20.99 4.65
C LEU B 83 8.44 -20.52 4.14
N MET B 84 7.95 -21.13 3.06
CA MET B 84 6.65 -20.74 2.52
C MET B 84 5.52 -20.92 3.52
N LYS B 85 5.72 -21.77 4.54
CA LYS B 85 4.71 -21.96 5.57
C LYS B 85 4.45 -20.68 6.34
N ALA B 86 5.36 -19.71 6.28
CA ALA B 86 5.21 -18.46 6.99
C ALA B 86 4.43 -17.42 6.19
N ALA B 87 4.08 -17.71 4.94
CA ALA B 87 3.50 -16.69 4.08
C ALA B 87 2.19 -16.16 4.62
N GLY B 88 2.09 -14.84 4.69
CA GLY B 88 0.85 -14.17 5.03
C GLY B 88 0.36 -14.35 6.44
N LYS B 89 1.21 -14.73 7.38
CA LYS B 89 0.75 -15.02 8.73
C LYS B 89 1.87 -14.70 9.71
N ASP B 90 1.54 -14.80 11.01
CA ASP B 90 2.54 -14.72 12.07
C ASP B 90 3.25 -16.07 12.14
N SER B 91 4.56 -16.07 11.93
CA SER B 91 5.34 -17.31 11.93
C SER B 91 6.22 -17.45 13.14
N THR B 92 6.00 -16.65 14.18
CA THR B 92 6.83 -16.72 15.38
C THR B 92 6.84 -18.13 15.95
N ALA B 93 5.69 -18.79 16.03
CA ALA B 93 5.65 -20.12 16.65
C ALA B 93 6.38 -21.14 15.81
N LEU B 94 6.26 -21.04 14.49
CA LEU B 94 6.99 -21.94 13.61
C LEU B 94 8.50 -21.72 13.75
N PHE B 95 8.91 -20.46 13.73
CA PHE B 95 10.31 -20.08 13.87
C PHE B 95 10.89 -20.63 15.16
N ASN B 96 10.17 -20.47 16.27
CA ASN B 96 10.67 -20.92 17.56
C ASN B 96 10.66 -22.45 17.67
N LYS B 97 9.79 -23.13 16.90
CA LYS B 97 9.79 -24.58 16.91
C LYS B 97 11.06 -25.13 16.29
N TYR B 98 11.49 -24.52 15.20
CA TYR B 98 12.60 -25.06 14.42
C TYR B 98 13.95 -24.48 14.81
N HIS B 99 14.00 -23.22 15.21
CA HIS B 99 15.27 -22.63 15.61
C HIS B 99 15.09 -21.28 16.28
N ALA B 100 14.73 -21.30 17.56
CA ALA B 100 14.46 -20.05 18.28
C ALA B 100 15.69 -19.16 18.39
N TRP B 101 16.89 -19.74 18.25
CA TRP B 101 18.15 -19.02 18.44
C TRP B 101 18.62 -18.24 17.23
N VAL B 102 17.99 -18.42 16.07
CA VAL B 102 18.51 -17.79 14.86
C VAL B 102 18.29 -16.28 14.93
N ASN B 103 19.33 -15.55 14.52
CA ASN B 103 19.33 -14.08 14.58
C ASN B 103 18.64 -13.50 13.35
N PHE B 104 17.32 -13.67 13.31
CA PHE B 104 16.58 -13.13 12.19
C PHE B 104 16.60 -11.61 12.17
N GLU B 105 16.70 -10.97 13.34
CA GLU B 105 16.74 -9.50 13.38
C GLU B 105 17.89 -8.98 12.53
N PHE B 106 19.06 -9.61 12.62
CA PHE B 106 20.18 -9.18 11.80
C PHE B 106 20.05 -9.70 10.36
N LEU B 107 19.75 -10.98 10.19
CA LEU B 107 19.73 -11.56 8.85
C LEU B 107 18.72 -10.87 7.96
N LEU B 108 17.55 -10.51 8.50
CA LEU B 108 16.47 -9.97 7.69
C LEU B 108 16.32 -8.47 7.82
N GLU B 109 17.30 -7.75 8.38
CA GLU B 109 17.09 -6.31 8.61
C GLU B 109 16.74 -5.57 7.31
N LYS B 110 17.37 -5.95 6.19
CA LYS B 110 17.07 -5.21 4.95
C LYS B 110 15.77 -5.66 4.30
N CYS B 111 15.07 -6.63 4.89
CA CYS B 111 13.76 -7.03 4.41
C CYS B 111 12.64 -6.56 5.33
N LEU B 112 12.95 -5.79 6.37
CA LEU B 112 11.93 -5.26 7.24
C LEU B 112 11.03 -4.31 6.47
N VAL B 113 9.72 -4.48 6.61
CA VAL B 113 8.75 -3.58 6.00
C VAL B 113 7.93 -2.80 7.01
N GLY B 114 7.95 -3.19 8.29
CA GLY B 114 7.26 -2.43 9.31
C GLY B 114 7.00 -3.29 10.55
N PHE B 115 6.04 -2.83 11.34
CA PHE B 115 5.73 -3.46 12.61
C PHE B 115 4.24 -3.79 12.66
N LEU B 116 3.92 -4.95 13.20
CA LEU B 116 2.53 -5.36 13.32
C LEU B 116 1.87 -4.56 14.43
N ASP B 117 0.80 -3.87 14.10
CA ASP B 117 0.07 -3.19 15.16
C ASP B 117 -1.21 -3.95 15.42
N PRO B 118 -1.35 -4.66 16.55
CA PRO B 118 -2.59 -5.40 16.82
C PRO B 118 -3.81 -4.49 16.94
CHA HEM C . -22.05 5.10 -10.79
CHB HEM C . -19.06 6.35 -7.20
CHC HEM C . -17.55 10.13 -9.79
CHD HEM C . -20.27 8.66 -13.49
C1A HEM C . -21.41 5.14 -9.59
C2A HEM C . -21.67 4.28 -8.45
C3A HEM C . -20.85 4.64 -7.48
C4A HEM C . -20.00 5.71 -7.95
CMA HEM C . -20.73 4.01 -6.08
CAA HEM C . -22.74 3.18 -8.41
CBA HEM C . -24.15 3.79 -8.36
CGA HEM C . -24.54 4.16 -6.94
O1A HEM C . -25.35 5.12 -6.75
O2A HEM C . -24.06 3.50 -6.00
C1B HEM C . -18.34 7.47 -7.58
C2B HEM C . -17.38 8.19 -6.77
C3B HEM C . -16.96 9.22 -7.51
C4B HEM C . -17.66 9.20 -8.78
CMB HEM C . -16.93 7.78 -5.35
CAB HEM C . -15.91 10.26 -7.05
CBB HEM C . -15.27 11.05 -7.91
C1C HEM C . -18.17 10.09 -11.01
C2C HEM C . -18.08 11.07 -12.07
C3C HEM C . -18.84 10.67 -13.08
C4C HEM C . -19.45 9.42 -12.70
CMC HEM C . -17.27 12.38 -12.03
CAC HEM C . -19.07 11.34 -14.45
CBC HEM C . -18.21 12.24 -14.95
C1D HEM C . -20.99 7.59 -13.07
C2D HEM C . -22.02 6.92 -13.85
C3D HEM C . -22.51 5.94 -13.08
C4D HEM C . -21.83 5.95 -11.83
CMD HEM C . -22.43 7.30 -15.27
CAD HEM C . -23.66 5.00 -13.47
CBD HEM C . -24.93 5.84 -13.69
CGD HEM C . -25.26 6.79 -12.55
O1D HEM C . -25.33 6.33 -11.38
O2D HEM C . -25.53 7.99 -12.85
NA HEM C . -20.44 6.01 -9.23
NB HEM C . -18.54 8.13 -8.81
NC HEM C . -19.00 9.08 -11.44
ND HEM C . -20.88 6.95 -11.85
FE HEM C . -19.73 7.55 -10.35
S SO4 D . -19.35 -4.27 -9.63
O1 SO4 D . -18.21 -5.13 -9.90
O2 SO4 D . -19.40 -3.96 -8.20
O3 SO4 D . -20.58 -4.96 -10.04
O4 SO4 D . -19.21 -3.03 -10.40
CHA HEM E . 17.28 -23.98 9.20
CHB HEM E . 17.00 -19.16 9.01
CHC HEM E . 12.15 -19.43 9.07
CHD HEM E . 12.44 -24.21 9.08
C1A HEM E . 17.62 -22.65 9.18
C2A HEM E . 18.95 -22.11 9.29
C3A HEM E . 18.88 -20.77 9.24
C4A HEM E . 17.47 -20.43 9.09
CMA HEM E . 20.02 -19.75 9.29
CAA HEM E . 20.23 -22.95 9.46
CBA HEM E . 20.17 -23.56 10.87
CGA HEM E . 20.83 -22.68 11.90
O1A HEM E . 20.50 -22.80 13.12
O2A HEM E . 21.69 -21.83 11.53
C1B HEM E . 15.67 -18.79 9.01
C2B HEM E . 15.15 -17.45 8.91
C3B HEM E . 13.82 -17.52 8.91
C4B HEM E . 13.43 -18.91 9.02
CMB HEM E . 16.02 -16.17 8.80
CAB HEM E . 12.90 -16.29 8.82
CBB HEM E . 11.60 -16.40 8.55
C1C HEM E . 11.78 -20.74 9.10
C2C HEM E . 10.43 -21.28 9.18
C3C HEM E . 10.52 -22.61 9.19
C4C HEM E . 11.92 -22.95 9.11
CMC HEM E . 9.14 -20.44 9.25
CAC HEM E . 9.36 -23.65 9.25
CBC HEM E . 8.12 -23.34 8.85
C1D HEM E . 13.76 -24.55 9.15
C2D HEM E . 14.26 -25.91 9.26
C3D HEM E . 15.59 -25.86 9.30
C4D HEM E . 16.00 -24.48 9.19
CMD HEM E . 13.34 -27.16 9.34
CAD HEM E . 16.54 -27.06 9.44
CBD HEM E . 16.13 -27.83 10.71
CGD HEM E . 15.97 -26.93 11.93
O1D HEM E . 15.00 -27.11 12.70
O2D HEM E . 16.83 -26.03 12.13
NA HEM E . 16.74 -21.59 9.06
NB HEM E . 14.59 -19.66 9.07
NC HEM E . 12.68 -21.80 9.06
ND HEM E . 14.84 -23.72 9.09
FE HEM E . 14.71 -21.70 9.04
#